data_2PVG
#
_entry.id   2PVG
#
_cell.length_a   63.462
_cell.length_b   89.702
_cell.length_c   99.303
_cell.angle_alpha   90.00
_cell.angle_beta   90.00
_cell.angle_gamma   90.00
#
_symmetry.space_group_name_H-M   'C 2 2 21'
#
loop_
_entity.id
_entity.type
_entity.pdbx_description
1 polymer 'Ferredoxin-thioredoxin reductase, catalytic chain'
2 polymer 'Ferredoxin-thioredoxin reductase, variable chain'
3 polymer Ferredoxin-1
4 non-polymer 'IRON/SULFUR CLUSTER'
5 non-polymer 'FE2/S2 (INORGANIC) CLUSTER'
6 water water
#
loop_
_entity_poly.entity_id
_entity_poly.type
_entity_poly.pdbx_seq_one_letter_code
_entity_poly.pdbx_strand_id
1 'polypeptide(L)'
;AATLAAMKNFAEQYAKRTDTYFCSDLSVTAVVIEGLARHKEELGSPLCPCRHYEDKEAEVKNTFWNCPCVPMRERKECHC
MLFLTPDNDFAGDAQDIPMETLEEKKAS
;
A
2 'polypeptide(L)' MNVGDRVRVTSSVVVYHHPEHAKTAFDLQGMEGEVAAVLTGWQGRPISANLPVLVKFEQAFKAHFRPDEVTLI B
3 'polypeptide(L)'
;ASYTVKLITPDGESSIECSDDTYILDAAEEAGLELPYSCRAGACSTCAGKITAGSVDQSDQSFLDDDQIEAGYVLTCVAY
PTSDCTIETHKEEDLY
;
C
#
loop_
_chem_comp.id
_chem_comp.type
_chem_comp.name
_chem_comp.formula
FES non-polymer 'FE2/S2 (INORGANIC) CLUSTER' 'Fe2 S2'
SF4 non-polymer 'IRON/SULFUR CLUSTER' 'Fe4 S4'
#
# COMPACT_ATOMS: atom_id res chain seq x y z
N ALA A 1 3.13 3.60 -23.05
CA ALA A 1 3.00 2.59 -21.96
C ALA A 1 1.74 2.84 -21.14
N ALA A 2 0.87 1.82 -21.05
CA ALA A 2 -0.36 1.91 -20.29
C ALA A 2 -0.07 1.94 -18.80
N THR A 3 0.83 1.07 -18.35
CA THR A 3 1.20 0.99 -16.95
C THR A 3 1.69 2.32 -16.42
N LEU A 4 2.38 3.08 -17.27
CA LEU A 4 2.88 4.38 -16.87
C LEU A 4 1.73 5.27 -16.41
N ALA A 5 0.72 5.39 -17.26
CA ALA A 5 -0.45 6.21 -16.94
C ALA A 5 -1.05 5.80 -15.58
N ALA A 6 -1.12 4.50 -15.32
CA ALA A 6 -1.67 4.01 -14.07
C ALA A 6 -0.83 4.50 -12.89
N MET A 7 0.49 4.41 -13.01
CA MET A 7 1.36 4.88 -11.93
C MET A 7 1.28 6.40 -11.80
N LYS A 8 1.04 7.09 -12.91
CA LYS A 8 0.93 8.53 -12.87
C LYS A 8 -0.38 8.89 -12.18
N ASN A 9 -1.46 8.23 -12.57
CA ASN A 9 -2.77 8.49 -11.97
C ASN A 9 -2.78 8.18 -10.48
N PHE A 10 -1.98 7.21 -10.07
CA PHE A 10 -1.90 6.84 -8.67
C PHE A 10 -1.22 7.96 -7.90
N ALA A 11 0.02 8.25 -8.29
CA ALA A 11 0.81 9.29 -7.65
C ALA A 11 0.03 10.58 -7.46
N GLU A 12 -0.69 10.99 -8.50
CA GLU A 12 -1.46 12.21 -8.45
C GLU A 12 -2.57 12.14 -7.39
N GLN A 13 -3.32 11.03 -7.37
CA GLN A 13 -4.40 10.88 -6.41
C GLN A 13 -3.89 10.69 -4.98
N TYR A 14 -2.82 9.91 -4.84
CA TYR A 14 -2.24 9.64 -3.52
C TYR A 14 -1.73 10.91 -2.87
N ALA A 15 -1.06 11.75 -3.65
CA ALA A 15 -0.53 12.99 -3.12
C ALA A 15 -1.66 13.84 -2.54
N LYS A 16 -2.81 13.82 -3.20
CA LYS A 16 -3.97 14.59 -2.77
C LYS A 16 -4.66 13.96 -1.56
N ARG A 17 -4.59 12.63 -1.46
CA ARG A 17 -5.21 11.92 -0.36
C ARG A 17 -4.37 12.08 0.89
N THR A 18 -3.04 12.06 0.73
CA THR A 18 -2.13 12.19 1.86
C THR A 18 -1.65 13.62 2.06
N ASP A 19 -2.29 14.56 1.39
CA ASP A 19 -1.91 15.96 1.51
C ASP A 19 -0.42 16.22 1.21
N THR A 20 0.23 15.32 0.46
CA THR A 20 1.64 15.51 0.12
C THR A 20 1.78 16.22 -1.23
N TYR A 21 2.98 16.71 -1.53
CA TYR A 21 3.23 17.41 -2.77
C TYR A 21 4.46 16.92 -3.51
N PHE A 22 4.50 17.14 -4.82
CA PHE A 22 5.64 16.71 -5.64
C PHE A 22 6.80 17.70 -5.49
N CYS A 23 8.01 17.22 -5.79
CA CYS A 23 9.22 18.02 -5.70
C CYS A 23 9.11 19.28 -6.58
N SER A 24 9.64 20.40 -6.10
CA SER A 24 9.60 21.66 -6.85
C SER A 24 10.29 21.51 -8.21
N ASP A 25 10.89 20.35 -8.42
CA ASP A 25 11.57 20.04 -9.67
C ASP A 25 10.95 18.75 -10.24
N LEU A 26 9.82 18.91 -10.92
CA LEU A 26 9.08 17.78 -11.50
C LEU A 26 9.90 16.72 -12.22
N SER A 27 11.11 17.08 -12.64
CA SER A 27 11.96 16.13 -13.36
C SER A 27 12.25 14.94 -12.46
N VAL A 28 12.42 15.23 -11.17
CA VAL A 28 12.71 14.19 -10.19
C VAL A 28 11.47 13.31 -10.02
N THR A 29 10.30 13.95 -9.99
CA THR A 29 9.03 13.26 -9.82
C THR A 29 8.81 12.27 -10.96
N ALA A 30 8.94 12.76 -12.18
CA ALA A 30 8.76 11.94 -13.39
C ALA A 30 9.67 10.71 -13.37
N VAL A 31 10.91 10.91 -12.94
CA VAL A 31 11.87 9.82 -12.86
C VAL A 31 11.39 8.70 -11.92
N VAL A 32 10.72 9.06 -10.83
CA VAL A 32 10.24 8.05 -9.90
C VAL A 32 9.07 7.29 -10.50
N ILE A 33 8.10 8.02 -11.04
CA ILE A 33 6.94 7.39 -11.64
C ILE A 33 7.39 6.45 -12.76
N GLU A 34 8.42 6.86 -13.49
CA GLU A 34 8.96 6.04 -14.59
C GLU A 34 9.53 4.73 -14.02
N GLY A 35 10.17 4.83 -12.86
CA GLY A 35 10.73 3.64 -12.24
C GLY A 35 9.65 2.74 -11.68
N LEU A 36 8.65 3.34 -11.04
CA LEU A 36 7.54 2.59 -10.47
C LEU A 36 6.82 1.77 -11.53
N ALA A 37 6.52 2.44 -12.65
CA ALA A 37 5.83 1.80 -13.77
C ALA A 37 6.66 0.65 -14.30
N ARG A 38 7.97 0.88 -14.42
CA ARG A 38 8.88 -0.13 -14.93
C ARG A 38 8.80 -1.38 -14.06
N HIS A 39 9.07 -1.20 -12.76
CA HIS A 39 9.01 -2.30 -11.81
C HIS A 39 7.66 -3.01 -11.86
N LYS A 40 6.59 -2.23 -11.95
CA LYS A 40 5.24 -2.81 -11.98
C LYS A 40 5.02 -3.65 -13.22
N GLU A 41 5.62 -3.22 -14.33
CA GLU A 41 5.47 -3.96 -15.58
C GLU A 41 6.28 -5.24 -15.53
N GLU A 42 7.34 -5.25 -14.71
CA GLU A 42 8.20 -6.41 -14.59
C GLU A 42 7.73 -7.41 -13.53
N LEU A 43 7.60 -6.94 -12.29
CA LEU A 43 7.18 -7.77 -11.16
C LEU A 43 5.66 -7.82 -10.97
N GLY A 44 4.98 -6.75 -11.36
CA GLY A 44 3.54 -6.70 -11.19
C GLY A 44 3.15 -5.76 -10.06
N SER A 45 4.15 -5.38 -9.26
CA SER A 45 3.95 -4.48 -8.13
C SER A 45 4.91 -3.29 -8.27
N PRO A 46 4.40 -2.06 -8.11
CA PRO A 46 5.27 -0.89 -8.22
C PRO A 46 6.31 -0.81 -7.11
N LEU A 47 7.31 -1.68 -7.18
CA LEU A 47 8.37 -1.72 -6.18
C LEU A 47 9.19 -0.44 -6.21
N CYS A 48 9.54 0.09 -5.04
CA CYS A 48 10.30 1.33 -4.98
C CYS A 48 11.48 1.28 -5.93
N PRO A 49 11.57 2.26 -6.82
CA PRO A 49 12.67 2.30 -7.80
C PRO A 49 14.00 2.88 -7.32
N CYS A 50 13.96 3.91 -6.47
CA CYS A 50 15.18 4.53 -5.99
C CYS A 50 15.96 3.71 -4.94
N ARG A 51 16.03 2.40 -5.12
CA ARG A 51 16.75 1.54 -4.19
C ARG A 51 17.37 0.33 -4.88
N HIS A 52 18.31 -0.34 -4.19
CA HIS A 52 18.93 -1.54 -4.72
C HIS A 52 18.50 -2.74 -3.88
N TYR A 53 18.16 -3.83 -4.53
CA TYR A 53 17.74 -5.04 -3.81
C TYR A 53 18.56 -6.24 -4.23
N GLU A 54 18.63 -7.24 -3.36
CA GLU A 54 19.39 -8.45 -3.69
C GLU A 54 18.43 -9.56 -4.12
N ASP A 55 17.15 -9.21 -4.23
CA ASP A 55 16.13 -10.18 -4.63
C ASP A 55 14.82 -9.42 -4.77
N LYS A 56 14.59 -8.82 -5.94
CA LYS A 56 13.38 -8.07 -6.16
C LYS A 56 12.12 -8.92 -6.14
N GLU A 57 12.26 -10.19 -6.48
CA GLU A 57 11.10 -11.08 -6.51
C GLU A 57 10.57 -11.28 -5.08
N ALA A 58 11.48 -11.36 -4.12
CA ALA A 58 11.10 -11.56 -2.73
C ALA A 58 10.57 -10.26 -2.10
N GLU A 59 11.23 -9.14 -2.39
CA GLU A 59 10.83 -7.83 -1.87
C GLU A 59 9.35 -7.57 -2.16
N VAL A 60 8.97 -7.76 -3.42
CA VAL A 60 7.61 -7.57 -3.86
C VAL A 60 6.65 -8.43 -3.04
N LYS A 61 7.12 -9.61 -2.65
CA LYS A 61 6.28 -10.52 -1.87
C LYS A 61 6.17 -10.10 -0.41
N ASN A 62 7.23 -9.47 0.09
CA ASN A 62 7.23 -8.99 1.47
C ASN A 62 6.38 -7.72 1.53
N THR A 63 6.31 -7.04 0.38
CA THR A 63 5.55 -5.80 0.18
C THR A 63 6.06 -4.56 0.89
N PHE A 64 6.97 -4.74 1.84
CA PHE A 64 7.51 -3.59 2.56
C PHE A 64 7.86 -2.42 1.65
N TRP A 65 8.52 -2.70 0.53
CA TRP A 65 8.89 -1.63 -0.38
C TRP A 65 7.97 -1.44 -1.56
N ASN A 66 6.73 -1.93 -1.47
CA ASN A 66 5.81 -1.73 -2.59
C ASN A 66 5.18 -0.36 -2.40
N CYS A 67 5.30 0.48 -3.41
CA CYS A 67 4.74 1.82 -3.34
C CYS A 67 3.22 1.76 -3.23
N PRO A 68 2.64 2.49 -2.26
CA PRO A 68 3.36 3.31 -1.28
C PRO A 68 3.89 2.43 -0.15
N CYS A 69 5.20 2.53 0.07
CA CYS A 69 5.89 1.73 1.08
C CYS A 69 5.49 2.02 2.54
N VAL A 70 5.88 1.12 3.44
CA VAL A 70 5.60 1.28 4.86
C VAL A 70 6.07 2.64 5.45
N PRO A 71 7.33 3.04 5.19
CA PRO A 71 7.80 4.32 5.73
C PRO A 71 6.90 5.48 5.30
N MET A 72 6.37 5.40 4.09
CA MET A 72 5.51 6.47 3.59
C MET A 72 4.08 6.43 4.15
N ARG A 73 3.52 5.22 4.28
CA ARG A 73 2.17 5.04 4.80
C ARG A 73 2.10 5.36 6.28
N GLU A 74 3.14 4.93 7.00
CA GLU A 74 3.20 5.13 8.43
C GLU A 74 3.83 6.45 8.87
N ARG A 75 4.92 6.86 8.23
CA ARG A 75 5.59 8.11 8.66
C ARG A 75 5.71 9.18 7.57
N LYS A 76 4.98 8.99 6.47
CA LYS A 76 5.05 9.93 5.35
C LYS A 76 6.50 10.23 4.96
N GLU A 77 7.33 9.19 4.98
CA GLU A 77 8.72 9.34 4.61
C GLU A 77 8.93 8.67 3.26
N CYS A 78 9.01 9.50 2.22
CA CYS A 78 9.21 9.04 0.85
C CYS A 78 10.66 9.28 0.48
N HIS A 79 11.47 8.23 0.56
CA HIS A 79 12.88 8.38 0.22
C HIS A 79 13.14 8.84 -1.22
N CYS A 80 12.28 8.44 -2.16
CA CYS A 80 12.47 8.83 -3.56
C CYS A 80 12.16 10.29 -3.81
N MET A 81 11.71 10.98 -2.77
CA MET A 81 11.36 12.40 -2.89
C MET A 81 10.11 12.56 -3.74
N LEU A 82 9.41 11.47 -4.02
CA LEU A 82 8.19 11.55 -4.83
C LEU A 82 7.08 12.30 -4.11
N PHE A 83 6.82 11.89 -2.86
CA PHE A 83 5.76 12.49 -2.02
C PHE A 83 6.38 13.29 -0.87
N LEU A 84 6.12 14.60 -0.85
CA LEU A 84 6.68 15.45 0.19
C LEU A 84 5.64 16.26 0.96
N THR A 85 5.96 16.53 2.22
CA THR A 85 5.07 17.32 3.06
C THR A 85 5.22 18.78 2.67
N PRO A 86 4.12 19.54 2.75
CA PRO A 86 4.17 20.97 2.40
C PRO A 86 5.28 21.63 3.21
N ASP A 87 5.62 21.00 4.33
CA ASP A 87 6.65 21.50 5.22
C ASP A 87 8.02 21.36 4.56
N ASN A 88 8.26 20.21 3.93
CA ASN A 88 9.52 19.93 3.27
C ASN A 88 10.08 21.09 2.46
N ASP A 89 11.40 21.26 2.50
CA ASP A 89 12.06 22.33 1.76
C ASP A 89 11.95 22.10 0.25
N PHE A 90 12.27 20.87 -0.17
CA PHE A 90 12.21 20.48 -1.57
C PHE A 90 10.77 20.43 -2.09
N ALA A 91 9.81 20.61 -1.20
CA ALA A 91 8.40 20.56 -1.58
C ALA A 91 8.00 21.70 -2.51
N GLY A 92 7.09 21.37 -3.43
CA GLY A 92 6.57 22.34 -4.38
C GLY A 92 5.07 22.40 -4.17
N ASP A 93 4.36 23.22 -4.95
CA ASP A 93 2.93 23.30 -4.78
C ASP A 93 2.15 22.69 -5.94
N ALA A 94 2.62 21.54 -6.41
CA ALA A 94 1.98 20.83 -7.51
C ALA A 94 1.69 19.38 -7.09
N GLN A 95 0.55 18.86 -7.51
CA GLN A 95 0.17 17.49 -7.18
C GLN A 95 -0.22 16.75 -8.45
N ASP A 96 0.03 17.42 -9.57
CA ASP A 96 -0.26 16.87 -10.89
C ASP A 96 1.00 17.08 -11.72
N ILE A 97 1.24 16.18 -12.67
CA ILE A 97 2.40 16.28 -13.53
C ILE A 97 2.03 15.95 -14.98
N PRO A 98 2.34 16.86 -15.93
CA PRO A 98 2.06 16.70 -17.36
C PRO A 98 2.59 15.40 -17.94
N MET A 99 1.72 14.67 -18.61
CA MET A 99 2.07 13.39 -19.22
C MET A 99 3.29 13.59 -20.12
N GLU A 100 3.32 14.73 -20.81
CA GLU A 100 4.43 15.06 -21.70
C GLU A 100 5.73 15.11 -20.93
N THR A 101 5.67 15.67 -19.72
CA THR A 101 6.86 15.78 -18.88
C THR A 101 7.38 14.40 -18.50
N LEU A 102 6.48 13.41 -18.52
CA LEU A 102 6.84 12.03 -18.18
C LEU A 102 7.40 11.31 -19.40
N GLU A 103 6.69 11.44 -20.53
CA GLU A 103 7.11 10.82 -21.77
C GLU A 103 8.56 11.19 -22.09
N GLU A 104 8.90 12.46 -21.84
CA GLU A 104 10.24 12.97 -22.12
C GLU A 104 11.33 12.32 -21.24
N LYS A 105 10.91 11.61 -20.21
CA LYS A 105 11.86 10.93 -19.32
C LYS A 105 12.08 9.52 -19.85
N LYS A 106 11.03 8.93 -20.42
CA LYS A 106 11.12 7.59 -20.98
C LYS A 106 12.12 7.59 -22.14
N ALA A 107 12.34 8.77 -22.70
CA ALA A 107 13.28 8.92 -23.81
C ALA A 107 14.70 8.96 -23.27
N SER A 108 14.96 8.13 -22.26
CA SER A 108 16.28 8.05 -21.63
C SER A 108 16.32 6.94 -20.57
N MET B 1 15.42 -9.68 20.63
CA MET B 1 14.16 -9.24 19.94
C MET B 1 13.60 -10.40 19.10
N ASN B 2 12.79 -11.24 19.73
CA ASN B 2 12.20 -12.38 19.04
C ASN B 2 10.69 -12.24 18.93
N VAL B 3 10.13 -12.84 17.88
CA VAL B 3 8.70 -12.81 17.64
C VAL B 3 7.98 -13.26 18.91
N GLY B 4 7.13 -12.40 19.47
CA GLY B 4 6.42 -12.76 20.68
C GLY B 4 6.64 -11.81 21.84
N ASP B 5 7.88 -11.32 21.96
CA ASP B 5 8.24 -10.39 23.04
C ASP B 5 7.34 -9.17 23.08
N ARG B 6 7.00 -8.73 24.28
CA ARG B 6 6.13 -7.57 24.46
C ARG B 6 7.00 -6.33 24.67
N VAL B 7 7.14 -5.52 23.63
CA VAL B 7 7.96 -4.32 23.71
C VAL B 7 7.21 -3.06 24.12
N ARG B 8 7.98 -1.99 24.31
CA ARG B 8 7.43 -0.71 24.70
C ARG B 8 8.07 0.37 23.83
N VAL B 9 7.26 1.28 23.32
CA VAL B 9 7.78 2.36 22.48
C VAL B 9 8.45 3.42 23.35
N THR B 10 9.78 3.37 23.40
CA THR B 10 10.56 4.29 24.19
C THR B 10 10.94 5.58 23.45
N SER B 11 11.31 5.45 22.17
CA SER B 11 11.67 6.61 21.37
C SER B 11 10.40 7.26 20.86
N SER B 12 10.51 8.52 20.48
CA SER B 12 9.39 9.26 19.94
C SER B 12 9.21 8.80 18.48
N VAL B 13 8.02 8.33 18.14
CA VAL B 13 7.73 7.85 16.79
C VAL B 13 6.37 8.39 16.35
N VAL B 14 6.38 9.26 15.34
CA VAL B 14 5.16 9.86 14.83
C VAL B 14 4.61 9.09 13.65
N VAL B 15 3.30 8.83 13.64
CA VAL B 15 2.69 8.10 12.53
C VAL B 15 1.45 8.81 12.06
N TYR B 16 0.93 8.39 10.91
CA TYR B 16 -0.27 9.01 10.36
C TYR B 16 -1.36 8.00 9.98
N HIS B 17 -1.13 6.73 10.28
CA HIS B 17 -2.10 5.69 9.93
C HIS B 17 -2.83 5.13 11.15
N HIS B 18 -2.86 5.86 12.26
CA HIS B 18 -3.55 5.36 13.42
C HIS B 18 -5.06 5.55 13.23
N PRO B 19 -5.84 4.48 13.43
CA PRO B 19 -7.30 4.50 13.28
C PRO B 19 -8.02 5.66 13.95
N GLU B 20 -7.49 6.15 15.07
CA GLU B 20 -8.10 7.26 15.78
C GLU B 20 -7.42 8.59 15.49
N HIS B 21 -6.44 8.56 14.60
CA HIS B 21 -5.70 9.76 14.25
C HIS B 21 -5.35 9.74 12.77
N ALA B 22 -6.30 9.29 11.95
CA ALA B 22 -6.11 9.19 10.51
C ALA B 22 -5.62 10.47 9.86
N LYS B 23 -4.56 10.36 9.06
CA LYS B 23 -3.98 11.49 8.35
C LYS B 23 -3.34 12.57 9.23
N THR B 24 -3.43 12.41 10.54
CA THR B 24 -2.86 13.39 11.47
C THR B 24 -1.73 12.76 12.28
N ALA B 25 -0.72 13.57 12.56
CA ALA B 25 0.45 13.09 13.32
C ALA B 25 0.03 12.66 14.72
N PHE B 26 0.69 11.62 15.23
CA PHE B 26 0.40 11.09 16.56
C PHE B 26 1.62 10.32 17.05
N ASP B 27 2.13 10.70 18.21
CA ASP B 27 3.30 10.04 18.78
C ASP B 27 2.91 8.74 19.48
N LEU B 28 3.58 7.64 19.14
CA LEU B 28 3.27 6.34 19.73
C LEU B 28 4.04 6.06 21.02
N GLN B 29 4.98 6.94 21.34
CA GLN B 29 5.77 6.78 22.55
C GLN B 29 4.87 6.46 23.74
N GLY B 30 5.30 5.49 24.54
CA GLY B 30 4.53 5.11 25.70
C GLY B 30 3.64 3.89 25.47
N MET B 31 3.36 3.57 24.21
CA MET B 31 2.51 2.43 23.91
C MET B 31 3.26 1.12 24.05
N GLU B 32 2.55 0.09 24.48
CA GLU B 32 3.13 -1.23 24.64
C GLU B 32 2.43 -2.19 23.71
N GLY B 33 3.15 -3.20 23.25
CA GLY B 33 2.56 -4.17 22.35
C GLY B 33 3.48 -5.35 22.21
N GLU B 34 3.25 -6.17 21.19
CA GLU B 34 4.10 -7.34 21.00
C GLU B 34 4.62 -7.45 19.58
N VAL B 35 5.84 -7.95 19.45
CA VAL B 35 6.46 -8.10 18.15
C VAL B 35 5.75 -9.16 17.33
N ALA B 36 5.00 -8.71 16.33
CA ALA B 36 4.27 -9.61 15.46
C ALA B 36 5.21 -10.23 14.43
N ALA B 37 6.33 -9.55 14.15
CA ALA B 37 7.30 -10.05 13.18
C ALA B 37 8.61 -9.27 13.19
N VAL B 38 9.66 -9.91 12.68
CA VAL B 38 10.98 -9.29 12.58
C VAL B 38 11.46 -9.45 11.15
N LEU B 39 10.95 -8.61 10.26
CA LEU B 39 11.29 -8.65 8.84
C LEU B 39 12.79 -8.72 8.53
N THR B 40 13.20 -9.84 7.95
CA THR B 40 14.61 -10.04 7.60
C THR B 40 14.76 -10.92 6.37
N GLY B 41 13.79 -11.80 6.16
CA GLY B 41 13.82 -12.68 5.01
C GLY B 41 12.44 -13.13 4.60
N TRP B 42 12.33 -13.67 3.39
CA TRP B 42 11.05 -14.15 2.87
C TRP B 42 11.27 -15.55 2.29
N GLN B 43 11.00 -16.57 3.09
CA GLN B 43 11.19 -17.94 2.65
C GLN B 43 12.64 -18.19 2.28
N GLY B 44 13.55 -17.74 3.15
CA GLY B 44 14.96 -17.93 2.90
C GLY B 44 15.62 -16.74 2.22
N ARG B 45 14.97 -16.21 1.18
CA ARG B 45 15.50 -15.07 0.46
C ARG B 45 15.66 -13.84 1.34
N PRO B 46 16.65 -12.98 1.03
CA PRO B 46 16.91 -11.77 1.82
C PRO B 46 15.93 -10.62 1.56
N ILE B 47 15.55 -9.95 2.64
CA ILE B 47 14.64 -8.80 2.58
C ILE B 47 15.38 -7.54 2.99
N SER B 48 15.04 -6.42 2.36
CA SER B 48 15.71 -5.16 2.66
C SER B 48 14.85 -4.08 3.34
N ALA B 49 14.12 -4.46 4.37
CA ALA B 49 13.28 -3.50 5.09
C ALA B 49 14.11 -2.78 6.15
N ASN B 50 13.98 -1.45 6.23
CA ASN B 50 14.74 -0.69 7.22
C ASN B 50 13.98 -0.45 8.53
N LEU B 51 12.75 -0.94 8.62
CA LEU B 51 11.93 -0.82 9.83
C LEU B 51 11.35 -2.22 10.08
N PRO B 52 12.23 -3.18 10.39
CA PRO B 52 11.89 -4.59 10.65
C PRO B 52 10.94 -4.91 11.79
N VAL B 53 11.21 -4.40 12.98
CA VAL B 53 10.35 -4.72 14.12
C VAL B 53 8.88 -4.30 13.96
N LEU B 54 8.03 -5.25 13.57
CA LEU B 54 6.60 -4.97 13.43
C LEU B 54 5.92 -5.24 14.77
N VAL B 55 5.19 -4.26 15.29
CA VAL B 55 4.51 -4.44 16.57
C VAL B 55 3.01 -4.16 16.48
N LYS B 56 2.21 -5.09 17.02
CA LYS B 56 0.76 -4.92 17.00
C LYS B 56 0.30 -4.38 18.35
N PHE B 57 -0.59 -3.39 18.32
CA PHE B 57 -1.10 -2.79 19.55
C PHE B 57 -2.60 -3.00 19.70
N GLU B 58 -3.22 -2.21 20.58
CA GLU B 58 -4.65 -2.31 20.85
C GLU B 58 -5.53 -2.41 19.62
N GLN B 59 -6.30 -3.50 19.56
CA GLN B 59 -7.24 -3.75 18.46
C GLN B 59 -6.57 -3.83 17.09
N ALA B 60 -7.19 -3.18 16.11
CA ALA B 60 -6.70 -3.17 14.74
C ALA B 60 -5.67 -2.07 14.48
N PHE B 61 -4.47 -2.25 15.02
CA PHE B 61 -3.40 -1.28 14.82
C PHE B 61 -2.02 -1.84 15.08
N LYS B 62 -1.18 -1.75 14.06
CA LYS B 62 0.18 -2.22 14.15
C LYS B 62 1.10 -1.15 13.54
N ALA B 63 2.41 -1.32 13.72
CA ALA B 63 3.36 -0.35 13.20
C ALA B 63 4.78 -0.92 13.19
N HIS B 64 5.59 -0.49 12.22
CA HIS B 64 6.98 -0.94 12.12
C HIS B 64 7.89 0.01 12.89
N PHE B 65 8.97 -0.53 13.44
CA PHE B 65 9.89 0.28 14.20
C PHE B 65 11.32 -0.11 13.96
N ARG B 66 12.23 0.77 14.36
CA ARG B 66 13.66 0.50 14.28
C ARG B 66 13.94 -0.05 15.66
N PRO B 67 14.89 -0.98 15.78
CA PRO B 67 15.23 -1.58 17.07
C PRO B 67 15.34 -0.58 18.23
N ASP B 68 16.19 0.43 18.10
CA ASP B 68 16.36 1.41 19.18
C ASP B 68 15.10 2.19 19.52
N GLU B 69 14.05 2.06 18.72
CA GLU B 69 12.82 2.78 18.99
C GLU B 69 11.98 2.10 20.06
N VAL B 70 12.18 0.79 20.19
CA VAL B 70 11.43 -0.02 21.16
C VAL B 70 12.35 -0.69 22.20
N THR B 71 11.79 -0.99 23.38
CA THR B 71 12.56 -1.64 24.45
C THR B 71 11.85 -2.88 25.00
N LEU B 72 12.62 -3.95 25.20
CA LEU B 72 12.09 -5.20 25.73
C LEU B 72 11.54 -5.00 27.14
N ILE B 73 10.73 -5.95 27.58
CA ILE B 73 10.14 -5.91 28.92
C ILE B 73 10.27 -7.29 29.55
N ALA C 1 -19.54 -17.93 9.80
CA ALA C 1 -20.21 -16.90 8.94
C ALA C 1 -19.35 -16.61 7.71
N SER C 2 -19.69 -17.24 6.60
CA SER C 2 -18.93 -17.03 5.37
C SER C 2 -19.85 -16.71 4.20
N TYR C 3 -19.31 -16.03 3.20
CA TYR C 3 -20.09 -15.66 2.04
C TYR C 3 -19.45 -16.16 0.75
N THR C 4 -20.23 -16.14 -0.33
CA THR C 4 -19.74 -16.60 -1.62
C THR C 4 -19.32 -15.40 -2.47
N VAL C 5 -18.04 -15.34 -2.79
CA VAL C 5 -17.50 -14.25 -3.59
C VAL C 5 -17.28 -14.70 -5.02
N LYS C 6 -18.12 -14.22 -5.92
CA LYS C 6 -18.03 -14.56 -7.34
C LYS C 6 -17.04 -13.61 -7.99
N LEU C 7 -15.78 -14.03 -8.10
CA LEU C 7 -14.76 -13.20 -8.70
C LEU C 7 -14.77 -13.30 -10.23
N ILE C 8 -14.78 -12.15 -10.88
CA ILE C 8 -14.78 -12.09 -12.34
C ILE C 8 -13.45 -11.49 -12.78
N THR C 9 -12.53 -12.35 -13.20
CA THR C 9 -11.21 -11.92 -13.63
C THR C 9 -11.10 -12.02 -15.16
N PRO C 10 -9.98 -11.51 -15.72
CA PRO C 10 -9.77 -11.56 -17.17
C PRO C 10 -9.78 -12.99 -17.70
N ASP C 11 -9.34 -13.93 -16.86
CA ASP C 11 -9.28 -15.34 -17.23
C ASP C 11 -10.63 -16.04 -17.07
N GLY C 12 -11.63 -15.30 -16.61
CA GLY C 12 -12.95 -15.88 -16.42
C GLY C 12 -13.52 -15.75 -15.02
N GLU C 13 -14.53 -16.57 -14.74
CA GLU C 13 -15.20 -16.58 -13.45
C GLU C 13 -14.57 -17.61 -12.51
N SER C 14 -14.87 -17.48 -11.22
CA SER C 14 -14.37 -18.39 -10.19
C SER C 14 -14.97 -18.00 -8.84
N SER C 15 -15.81 -18.88 -8.29
CA SER C 15 -16.45 -18.61 -7.01
C SER C 15 -15.70 -19.22 -5.83
N ILE C 16 -15.49 -18.40 -4.81
CA ILE C 16 -14.79 -18.83 -3.60
C ILE C 16 -15.67 -18.56 -2.39
N GLU C 17 -15.33 -19.19 -1.27
CA GLU C 17 -16.08 -19.03 -0.04
C GLU C 17 -15.22 -18.24 0.94
N CYS C 18 -15.48 -16.93 1.05
CA CYS C 18 -14.72 -16.06 1.94
C CYS C 18 -15.42 -15.77 3.26
N SER C 19 -14.70 -15.96 4.36
CA SER C 19 -15.23 -15.71 5.70
C SER C 19 -15.48 -14.23 5.88
N ASP C 20 -16.36 -13.90 6.82
CA ASP C 20 -16.70 -12.51 7.10
C ASP C 20 -15.54 -11.78 7.78
N ASP C 21 -14.58 -12.56 8.28
CA ASP C 21 -13.40 -12.02 8.95
C ASP C 21 -12.15 -12.20 8.09
N THR C 22 -12.35 -12.41 6.79
CA THR C 22 -11.22 -12.59 5.89
C THR C 22 -11.30 -11.63 4.71
N TYR C 23 -10.17 -11.02 4.38
CA TYR C 23 -10.12 -10.08 3.27
C TYR C 23 -10.34 -10.81 1.95
N ILE C 24 -11.01 -10.14 1.02
CA ILE C 24 -11.28 -10.74 -0.28
C ILE C 24 -10.00 -11.23 -0.92
N LEU C 25 -9.00 -10.38 -0.98
CA LEU C 25 -7.74 -10.76 -1.61
C LEU C 25 -7.15 -12.00 -0.95
N ASP C 26 -7.07 -12.02 0.38
CA ASP C 26 -6.53 -13.17 1.09
C ASP C 26 -7.31 -14.45 0.75
N ALA C 27 -8.63 -14.37 0.85
CA ALA C 27 -9.49 -15.50 0.53
C ALA C 27 -9.25 -15.95 -0.90
N ALA C 28 -9.08 -15.00 -1.81
CA ALA C 28 -8.85 -15.34 -3.20
C ALA C 28 -7.52 -16.07 -3.36
N GLU C 29 -6.52 -15.67 -2.59
CA GLU C 29 -5.21 -16.31 -2.66
C GLU C 29 -5.24 -17.71 -2.05
N GLU C 30 -6.21 -17.97 -1.18
CA GLU C 30 -6.31 -19.28 -0.58
C GLU C 30 -6.94 -20.25 -1.58
N ALA C 31 -7.72 -19.72 -2.51
CA ALA C 31 -8.37 -20.54 -3.52
C ALA C 31 -7.39 -20.83 -4.65
N GLY C 32 -6.26 -20.12 -4.63
CA GLY C 32 -5.25 -20.32 -5.65
C GLY C 32 -5.29 -19.33 -6.80
N LEU C 33 -6.06 -18.25 -6.62
CA LEU C 33 -6.16 -17.24 -7.67
C LEU C 33 -4.97 -16.29 -7.64
N GLU C 34 -4.75 -15.61 -8.76
CA GLU C 34 -3.65 -14.68 -8.90
C GLU C 34 -4.17 -13.26 -9.09
N LEU C 35 -4.40 -12.58 -7.98
CA LEU C 35 -4.91 -11.21 -8.01
C LEU C 35 -3.78 -10.20 -7.74
N PRO C 36 -3.84 -9.04 -8.40
CA PRO C 36 -2.82 -8.00 -8.24
C PRO C 36 -2.90 -7.29 -6.89
N TYR C 37 -1.75 -6.77 -6.46
CA TYR C 37 -1.67 -6.06 -5.19
C TYR C 37 -0.33 -5.32 -5.10
N SER C 38 -0.22 -4.43 -4.12
CA SER C 38 0.99 -3.65 -3.90
C SER C 38 1.24 -3.43 -2.41
N CYS C 39 0.58 -2.43 -1.83
CA CYS C 39 0.74 -2.08 -0.42
C CYS C 39 0.06 -3.07 0.53
N ARG C 40 -1.06 -3.66 0.10
CA ARG C 40 -1.79 -4.65 0.88
C ARG C 40 -2.38 -3.95 2.12
N ALA C 41 -2.51 -2.63 2.03
CA ALA C 41 -3.01 -1.82 3.13
C ALA C 41 -4.15 -0.87 2.76
N GLY C 42 -4.52 -0.86 1.49
CA GLY C 42 -5.61 -0.01 1.06
C GLY C 42 -5.23 1.45 0.82
N ALA C 43 -3.94 1.68 0.57
CA ALA C 43 -3.46 3.03 0.31
C ALA C 43 -3.19 3.29 -1.18
N CYS C 44 -3.43 2.30 -2.05
CA CYS C 44 -3.21 2.50 -3.48
C CYS C 44 -4.38 1.94 -4.31
N SER C 45 -4.14 1.71 -5.60
CA SER C 45 -5.19 1.19 -6.48
C SER C 45 -4.86 -0.11 -7.20
N THR C 46 -3.65 -0.61 -7.00
CA THR C 46 -3.24 -1.84 -7.65
C THR C 46 -4.24 -3.00 -7.49
N CYS C 47 -4.86 -3.13 -6.34
CA CYS C 47 -5.81 -4.23 -6.14
C CYS C 47 -7.24 -3.82 -6.45
N ALA C 48 -7.43 -2.59 -6.93
CA ALA C 48 -8.77 -2.08 -7.26
C ALA C 48 -9.67 -3.11 -7.96
N GLY C 49 -10.94 -3.11 -7.56
CA GLY C 49 -11.93 -4.01 -8.12
C GLY C 49 -13.23 -3.25 -8.26
N LYS C 50 -14.32 -3.96 -8.56
CA LYS C 50 -15.63 -3.33 -8.73
C LYS C 50 -16.75 -4.30 -8.37
N ILE C 51 -17.56 -3.91 -7.38
CA ILE C 51 -18.67 -4.74 -6.93
C ILE C 51 -19.91 -4.55 -7.80
N THR C 52 -20.22 -5.56 -8.60
CA THR C 52 -21.38 -5.54 -9.48
C THR C 52 -22.62 -5.95 -8.70
N ALA C 53 -22.43 -6.88 -7.77
CA ALA C 53 -23.52 -7.37 -6.95
C ALA C 53 -23.03 -7.65 -5.53
N GLY C 54 -23.91 -7.42 -4.56
CA GLY C 54 -23.56 -7.66 -3.18
C GLY C 54 -22.96 -6.45 -2.50
N SER C 55 -22.35 -6.65 -1.34
CA SER C 55 -21.73 -5.56 -0.59
C SER C 55 -20.47 -6.02 0.14
N VAL C 56 -19.59 -5.08 0.45
CA VAL C 56 -18.35 -5.37 1.15
C VAL C 56 -18.01 -4.28 2.18
N ASP C 57 -17.23 -4.64 3.19
CA ASP C 57 -16.80 -3.68 4.20
C ASP C 57 -15.33 -3.40 3.98
N GLN C 58 -15.04 -2.20 3.50
CA GLN C 58 -13.68 -1.80 3.23
C GLN C 58 -13.35 -0.54 3.98
N SER C 59 -13.94 -0.42 5.17
CA SER C 59 -13.71 0.74 6.02
C SER C 59 -12.22 1.01 6.25
N ASP C 60 -11.39 -0.03 6.15
CA ASP C 60 -9.96 0.11 6.35
C ASP C 60 -9.21 0.77 5.19
N GLN C 61 -9.87 0.94 4.06
CA GLN C 61 -9.22 1.56 2.89
C GLN C 61 -9.09 3.08 3.05
N SER C 62 -8.18 3.69 2.32
CA SER C 62 -8.02 5.14 2.43
C SER C 62 -7.68 5.82 1.10
N PHE C 63 -7.35 5.04 0.08
CA PHE C 63 -7.00 5.61 -1.21
C PHE C 63 -8.21 6.13 -1.98
N LEU C 64 -9.19 5.27 -2.22
CA LEU C 64 -10.41 5.63 -2.96
C LEU C 64 -11.22 6.75 -2.30
N ASP C 65 -11.74 7.65 -3.11
CA ASP C 65 -12.56 8.76 -2.61
C ASP C 65 -14.04 8.44 -2.75
N ASP C 66 -14.89 9.26 -2.14
CA ASP C 66 -16.34 9.07 -2.17
C ASP C 66 -16.87 8.71 -3.57
N ASP C 67 -16.69 9.62 -4.53
CA ASP C 67 -17.15 9.38 -5.90
C ASP C 67 -16.82 7.96 -6.37
N GLN C 68 -15.57 7.54 -6.17
CA GLN C 68 -15.12 6.22 -6.59
C GLN C 68 -15.77 5.13 -5.73
N ILE C 69 -15.99 5.42 -4.47
CA ILE C 69 -16.62 4.46 -3.57
C ILE C 69 -18.07 4.23 -3.98
N GLU C 70 -18.74 5.30 -4.39
CA GLU C 70 -20.14 5.23 -4.81
C GLU C 70 -20.27 4.51 -6.16
N ALA C 71 -19.24 4.61 -6.99
CA ALA C 71 -19.23 3.97 -8.29
C ALA C 71 -19.23 2.44 -8.17
N GLY C 72 -18.59 1.94 -7.12
CA GLY C 72 -18.53 0.50 -6.91
C GLY C 72 -17.14 -0.09 -6.85
N TYR C 73 -16.12 0.76 -6.81
CA TYR C 73 -14.74 0.28 -6.76
C TYR C 73 -14.35 -0.06 -5.33
N VAL C 74 -13.53 -1.09 -5.17
CA VAL C 74 -13.11 -1.52 -3.87
C VAL C 74 -11.67 -1.99 -3.85
N LEU C 75 -11.06 -1.97 -2.67
CA LEU C 75 -9.69 -2.43 -2.54
C LEU C 75 -9.75 -3.82 -1.94
N THR C 76 -9.67 -4.83 -2.80
CA THR C 76 -9.75 -6.22 -2.38
C THR C 76 -8.80 -6.64 -1.26
N CYS C 77 -7.69 -5.92 -1.07
CA CYS C 77 -6.74 -6.31 -0.01
C CYS C 77 -7.23 -5.99 1.41
N VAL C 78 -8.22 -5.11 1.51
CA VAL C 78 -8.75 -4.72 2.82
C VAL C 78 -10.28 -4.77 2.83
N ALA C 79 -10.86 -5.47 1.86
CA ALA C 79 -12.31 -5.56 1.79
C ALA C 79 -12.85 -6.82 2.44
N TYR C 80 -13.86 -6.66 3.29
CA TYR C 80 -14.48 -7.82 3.93
C TYR C 80 -15.81 -8.05 3.28
N PRO C 81 -16.14 -9.30 2.95
CA PRO C 81 -17.42 -9.57 2.31
C PRO C 81 -18.53 -9.37 3.37
N THR C 82 -19.46 -8.47 3.09
CA THR C 82 -20.58 -8.17 4.00
C THR C 82 -21.80 -9.04 3.65
N SER C 83 -21.66 -9.82 2.58
CA SER C 83 -22.73 -10.68 2.09
C SER C 83 -22.28 -11.30 0.77
N ASP C 84 -23.11 -12.17 0.20
CA ASP C 84 -22.76 -12.77 -1.07
C ASP C 84 -22.56 -11.62 -2.05
N CYS C 85 -21.48 -11.67 -2.83
CA CYS C 85 -21.21 -10.58 -3.76
C CYS C 85 -20.46 -11.03 -5.01
N THR C 86 -20.50 -10.17 -6.01
CA THR C 86 -19.80 -10.42 -7.27
C THR C 86 -18.88 -9.24 -7.49
N ILE C 87 -17.59 -9.55 -7.59
CA ILE C 87 -16.56 -8.54 -7.78
C ILE C 87 -15.72 -8.79 -9.00
N GLU C 88 -15.44 -7.71 -9.74
CA GLU C 88 -14.60 -7.80 -10.93
C GLU C 88 -13.19 -7.38 -10.53
N THR C 89 -12.21 -8.23 -10.84
CA THR C 89 -10.82 -7.94 -10.49
C THR C 89 -10.09 -7.26 -11.64
N HIS C 90 -8.86 -6.83 -11.37
CA HIS C 90 -8.06 -6.15 -12.39
C HIS C 90 -8.88 -5.01 -13.00
N LYS C 91 -9.32 -4.09 -12.14
CA LYS C 91 -10.13 -2.96 -12.58
C LYS C 91 -9.47 -1.60 -12.37
N GLU C 92 -8.19 -1.61 -11.99
CA GLU C 92 -7.46 -0.36 -11.77
C GLU C 92 -7.60 0.58 -12.96
N GLU C 93 -7.45 0.05 -14.17
CA GLU C 93 -7.56 0.84 -15.39
C GLU C 93 -8.86 1.64 -15.43
N ASP C 94 -9.99 0.97 -15.23
CA ASP C 94 -11.30 1.61 -15.26
C ASP C 94 -11.49 2.63 -14.14
N LEU C 95 -10.58 2.63 -13.18
CA LEU C 95 -10.65 3.54 -12.03
C LEU C 95 -10.64 5.01 -12.45
N TYR C 96 -9.51 5.44 -13.01
CA TYR C 96 -9.36 6.82 -13.45
C TYR C 96 -9.92 7.03 -14.85
FE1 SF4 D . 8.39 7.00 -2.09
FE2 SF4 D . 6.75 5.08 -3.22
FE3 SF4 D . 8.01 4.64 -0.81
FE4 SF4 D . 9.50 4.73 -3.12
S1 SF4 D . 7.85 3.17 -2.56
S2 SF4 D . 10.02 5.72 -1.10
S3 SF4 D . 8.36 6.33 -4.31
S4 SF4 D . 6.39 6.24 -1.23
FE1 FES E . -2.65 -1.09 -2.31
FE2 FES E . -4.74 -2.89 -1.88
S1 FES E . -2.57 -3.37 -2.34
S2 FES E . -4.85 -0.64 -1.83
#